data_4I9A
#
_entry.id   4I9A
#
_cell.length_a   119.106
_cell.length_b   119.106
_cell.length_c   93.737
_cell.angle_alpha   90.00
_cell.angle_beta   90.00
_cell.angle_gamma   120.00
#
_symmetry.space_group_name_H-M   'P 3 2 1'
#
loop_
_entity.id
_entity.type
_entity.pdbx_description
1 polymer 'quinolinate phosphoribosyltransferase'
2 non-polymer 'NICOTINATE MONONUCLEOTIDE'
3 water water
#
_entity_poly.entity_id   1
_entity_poly.type   'polypeptide(L)'
_entity_poly.pdbx_seq_one_letter_code
;MDPEGLALLLPPATLATLADSWLREDCPGLNPVALVTGAAPSQAVLWAKSPGILAGRPFFDAIFAQVNCQVSWFLPEGSK
LVPVAKVAEVRGPAHCLLLGERVALNMLARCSGVASAAATAVETARGTGWAGHVAGTRKTTPGFRLVEKYGLLVGGATSH
RYDLGGLVMVKDNHVVAAGGVKQAVQGARRAANFALKVEVECSSLQEALEAAEAGADLVLLDNFRPEELHPTAAALKAQF
PTVGVEASGGVTLDNLPQFCGPHIDVISLGMLTQAAPALDFSLKLFAE
;
_entity_poly.pdbx_strand_id   A,B
#
# COMPACT_ATOMS: atom_id res chain seq x y z
N MET A 1 14.06 -19.76 -1.10
CA MET A 1 14.60 -19.94 0.25
C MET A 1 15.45 -18.72 0.64
N ASP A 2 16.77 -18.91 0.69
CA ASP A 2 17.73 -17.87 1.05
C ASP A 2 17.42 -16.59 0.27
N PRO A 3 17.27 -15.48 1.02
CA PRO A 3 16.75 -14.20 0.51
C PRO A 3 17.51 -13.64 -0.69
N GLU A 4 18.82 -13.90 -0.79
CA GLU A 4 19.66 -13.28 -1.81
C GLU A 4 19.45 -13.88 -3.20
N GLY A 5 18.99 -15.12 -3.25
CA GLY A 5 18.73 -15.78 -4.51
C GLY A 5 17.39 -15.42 -5.12
N LEU A 6 16.52 -14.86 -4.31
CA LEU A 6 15.21 -14.50 -4.78
C LEU A 6 15.19 -13.45 -5.90
N ALA A 7 16.17 -12.60 -5.96
CA ALA A 7 16.30 -11.60 -7.03
C ALA A 7 16.33 -12.24 -8.44
N LEU A 8 16.71 -13.51 -8.52
CA LEU A 8 16.71 -14.24 -9.80
C LEU A 8 15.31 -14.46 -10.35
N LEU A 9 14.29 -14.24 -9.52
CA LEU A 9 12.92 -14.39 -9.97
C LEU A 9 12.45 -13.27 -10.91
N LEU A 10 13.22 -12.18 -10.99
CA LEU A 10 12.72 -10.96 -11.65
C LEU A 10 13.44 -10.63 -12.95
N PRO A 11 12.73 -10.72 -14.08
CA PRO A 11 13.37 -10.37 -15.36
C PRO A 11 13.74 -8.87 -15.40
N PRO A 12 14.97 -8.55 -15.85
CA PRO A 12 15.44 -7.17 -15.81
C PRO A 12 14.52 -6.21 -16.57
N ALA A 13 14.10 -6.54 -17.79
CA ALA A 13 13.13 -5.70 -18.52
C ALA A 13 11.84 -5.41 -17.71
N THR A 14 11.34 -6.39 -16.97
CA THR A 14 10.17 -6.16 -16.10
C THR A 14 10.45 -5.09 -15.05
N LEU A 15 11.64 -5.12 -14.47
CA LEU A 15 11.97 -4.16 -13.43
C LEU A 15 12.11 -2.76 -14.02
N ALA A 16 12.71 -2.67 -15.20
CA ALA A 16 12.94 -1.37 -15.83
C ALA A 16 11.60 -0.74 -16.21
N THR A 17 10.72 -1.53 -16.82
CA THR A 17 9.43 -1.03 -17.28
C THR A 17 8.63 -0.55 -16.07
N LEU A 18 8.70 -1.31 -15.00
CA LEU A 18 8.07 -0.91 -13.74
C LEU A 18 8.69 0.37 -13.14
N ALA A 19 10.01 0.47 -13.10
CA ALA A 19 10.62 1.66 -12.52
C ALA A 19 10.21 2.88 -13.34
N ASP A 20 10.15 2.69 -14.65
CA ASP A 20 9.68 3.73 -15.57
C ASP A 20 8.24 4.23 -15.30
N SER A 21 7.26 3.33 -15.13
CA SER A 21 5.90 3.81 -14.80
C SER A 21 5.83 4.61 -13.48
N TRP A 22 6.58 4.17 -12.48
CA TRP A 22 6.59 4.85 -11.18
C TRP A 22 7.13 6.27 -11.24
N LEU A 23 8.25 6.44 -11.91
CA LEU A 23 8.83 7.77 -12.12
C LEU A 23 7.94 8.69 -12.96
N ARG A 24 7.32 8.12 -14.00
CA ARG A 24 6.35 8.87 -14.80
C ARG A 24 5.20 9.36 -13.95
N GLU A 25 4.65 8.47 -13.11
CA GLU A 25 3.65 8.88 -12.14
C GLU A 25 4.13 10.08 -11.31
N ASP A 26 5.39 10.08 -10.85
CA ASP A 26 5.82 11.08 -9.87
C ASP A 26 6.23 12.40 -10.51
N CYS A 27 6.66 12.35 -11.77
CA CYS A 27 7.05 13.55 -12.50
C CYS A 27 6.70 13.35 -13.97
N PRO A 28 5.46 13.65 -14.36
CA PRO A 28 5.04 13.24 -15.69
C PRO A 28 5.58 14.16 -16.78
N GLY A 29 6.10 15.32 -16.40
CA GLY A 29 6.60 16.28 -17.36
C GLY A 29 7.98 16.83 -17.00
N LEU A 30 8.02 18.11 -16.62
CA LEU A 30 9.27 18.76 -16.27
C LEU A 30 9.58 18.58 -14.80
N ASN A 31 10.87 18.64 -14.48
CA ASN A 31 11.31 18.57 -13.10
C ASN A 31 11.90 19.94 -12.65
N PRO A 32 11.02 20.91 -12.35
CA PRO A 32 11.49 22.26 -11.96
C PRO A 32 12.64 22.29 -10.94
N VAL A 33 12.53 21.55 -9.83
CA VAL A 33 13.54 21.62 -8.77
C VAL A 33 14.95 21.21 -9.20
N ALA A 34 15.09 20.63 -10.38
CA ALA A 34 16.41 20.32 -10.92
C ALA A 34 17.24 21.60 -11.06
N LEU A 35 16.56 22.72 -11.28
CA LEU A 35 17.27 23.99 -11.40
C LEU A 35 17.83 24.43 -10.04
N VAL A 36 17.19 24.01 -8.95
CA VAL A 36 17.66 24.35 -7.62
C VAL A 36 19.03 23.74 -7.29
N THR A 37 19.29 22.54 -7.78
CA THR A 37 20.50 21.82 -7.41
C THR A 37 21.58 21.74 -8.48
N GLY A 38 21.18 21.75 -9.74
CA GLY A 38 22.13 21.45 -10.80
C GLY A 38 22.49 19.99 -10.85
N ALA A 39 23.49 19.66 -11.66
CA ALA A 39 23.79 18.27 -12.02
C ALA A 39 25.15 17.78 -11.56
N ALA A 40 25.78 18.47 -10.61
CA ALA A 40 27.09 18.06 -10.13
C ALA A 40 27.07 16.64 -9.57
N PRO A 41 28.14 15.86 -9.82
CA PRO A 41 28.11 14.47 -9.37
C PRO A 41 28.04 14.46 -7.86
N SER A 42 27.14 13.65 -7.31
CA SER A 42 26.86 13.70 -5.89
C SER A 42 26.76 12.29 -5.35
N GLN A 43 26.74 12.20 -4.03
CA GLN A 43 26.65 10.92 -3.34
C GLN A 43 25.68 11.05 -2.16
N ALA A 44 24.86 10.03 -1.97
CA ALA A 44 23.92 9.97 -0.85
C ALA A 44 24.03 8.60 -0.20
N VAL A 45 23.65 8.49 1.05
CA VAL A 45 23.54 7.22 1.77
C VAL A 45 22.10 6.94 2.09
N LEU A 46 21.68 5.70 1.91
CA LEU A 46 20.37 5.25 2.33
C LEU A 46 20.44 4.76 3.78
N TRP A 47 19.69 5.41 4.66
CA TRP A 47 19.70 5.09 6.08
C TRP A 47 18.42 4.36 6.43
N ALA A 48 18.52 3.24 7.15
CA ALA A 48 17.35 2.54 7.67
C ALA A 48 17.02 3.06 9.06
N LYS A 49 15.84 3.67 9.23
CA LYS A 49 15.44 4.24 10.53
C LYS A 49 14.45 3.36 11.34
N SER A 50 13.89 2.32 10.72
CA SER A 50 13.03 1.37 11.41
C SER A 50 13.70 0.01 11.44
N PRO A 51 13.37 -0.81 12.45
CA PRO A 51 13.81 -2.21 12.48
C PRO A 51 13.01 -3.10 11.55
N GLY A 52 13.65 -4.14 11.02
CA GLY A 52 12.94 -5.08 10.20
C GLY A 52 13.88 -5.80 9.28
N ILE A 53 13.40 -6.03 8.05
CA ILE A 53 14.11 -6.87 7.11
C ILE A 53 14.21 -6.12 5.79
N LEU A 54 15.43 -6.01 5.27
CA LEU A 54 15.67 -5.33 4.00
C LEU A 54 15.09 -6.17 2.87
N ALA A 55 14.19 -5.57 2.10
CA ALA A 55 13.67 -6.16 0.87
C ALA A 55 13.41 -5.12 -0.23
N GLY A 56 13.83 -5.44 -1.46
CA GLY A 56 13.52 -4.58 -2.61
C GLY A 56 14.68 -4.07 -3.44
N ARG A 57 15.90 -4.53 -3.16
CA ARG A 57 17.07 -4.10 -3.92
C ARG A 57 16.87 -4.08 -5.45
N PRO A 58 16.32 -5.16 -6.04
CA PRO A 58 16.21 -5.13 -7.51
C PRO A 58 15.35 -3.99 -8.05
N PHE A 59 14.21 -3.71 -7.44
CA PHE A 59 13.42 -2.56 -7.86
C PHE A 59 14.16 -1.26 -7.65
N PHE A 60 14.87 -1.19 -6.53
CA PHE A 60 15.58 0.00 -6.12
C PHE A 60 16.70 0.34 -7.09
N ASP A 61 17.51 -0.66 -7.44
CA ASP A 61 18.55 -0.45 -8.42
C ASP A 61 17.93 -0.01 -9.75
N ALA A 62 16.80 -0.64 -10.11
CA ALA A 62 16.16 -0.33 -11.39
C ALA A 62 15.70 1.10 -11.47
N ILE A 63 15.07 1.61 -10.41
CA ILE A 63 14.61 3.00 -10.37
C ILE A 63 15.77 3.93 -10.61
N PHE A 64 16.82 3.78 -9.80
CA PHE A 64 17.97 4.64 -9.94
C PHE A 64 18.69 4.51 -11.27
N ALA A 65 18.65 3.33 -11.89
CA ALA A 65 19.24 3.19 -13.24
C ALA A 65 18.48 3.97 -14.32
N GLN A 66 17.16 4.12 -14.13
CA GLN A 66 16.33 4.95 -15.00
C GLN A 66 16.67 6.44 -14.95
N VAL A 67 17.25 6.90 -13.85
CA VAL A 67 17.76 8.26 -13.80
C VAL A 67 19.31 8.31 -13.78
N ASN A 68 19.92 7.32 -14.42
CA ASN A 68 21.37 7.26 -14.61
C ASN A 68 22.19 7.43 -13.31
N CYS A 69 21.80 6.70 -12.27
CA CYS A 69 22.50 6.70 -10.97
C CYS A 69 22.85 5.27 -10.59
N GLN A 70 23.89 5.10 -9.78
CA GLN A 70 24.31 3.75 -9.38
C GLN A 70 24.22 3.56 -7.88
N VAL A 71 23.96 2.33 -7.45
CA VAL A 71 23.79 2.05 -6.03
C VAL A 71 24.79 0.98 -5.59
N SER A 72 25.44 1.23 -4.45
CA SER A 72 26.31 0.23 -3.83
C SER A 72 25.72 -0.23 -2.50
N TRP A 73 25.59 -1.54 -2.33
CA TRP A 73 24.88 -2.09 -1.17
C TRP A 73 25.78 -2.60 -0.06
N PHE A 74 25.48 -2.21 1.17
CA PHE A 74 26.25 -2.69 2.30
C PHE A 74 25.58 -3.86 3.01
N LEU A 75 24.26 -3.94 2.85
CA LEU A 75 23.51 -5.06 3.42
C LEU A 75 22.94 -5.93 2.30
N PRO A 76 23.02 -7.26 2.48
CA PRO A 76 22.39 -8.18 1.52
C PRO A 76 20.87 -8.16 1.64
N GLU A 77 20.21 -8.54 0.55
CA GLU A 77 18.77 -8.71 0.57
C GLU A 77 18.42 -9.70 1.69
N GLY A 78 17.46 -9.32 2.54
CA GLY A 78 16.96 -10.21 3.57
C GLY A 78 17.66 -10.03 4.90
N SER A 79 18.53 -9.02 4.98
CA SER A 79 19.22 -8.68 6.21
C SER A 79 18.26 -8.06 7.19
N LYS A 80 18.48 -8.38 8.45
CA LYS A 80 17.82 -7.64 9.50
C LYS A 80 18.30 -6.19 9.44
N LEU A 81 17.38 -5.26 9.62
CA LEU A 81 17.72 -3.85 9.66
C LEU A 81 17.62 -3.37 11.09
N VAL A 82 18.67 -2.69 11.54
CA VAL A 82 18.66 -2.07 12.84
C VAL A 82 19.01 -0.60 12.67
N PRO A 83 18.11 0.28 13.12
CA PRO A 83 18.34 1.74 13.12
C PRO A 83 19.67 2.03 13.79
N VAL A 84 20.49 2.94 13.27
CA VAL A 84 20.24 3.69 12.04
C VAL A 84 21.28 3.18 11.04
N ALA A 85 20.92 2.11 10.35
CA ALA A 85 21.84 1.36 9.51
C ALA A 85 22.13 2.09 8.20
N LYS A 86 23.41 2.13 7.82
CA LYS A 86 23.87 2.66 6.54
C LYS A 86 23.73 1.57 5.46
N VAL A 87 22.54 1.48 4.92
CA VAL A 87 22.16 0.43 4.06
C VAL A 87 22.86 0.42 2.70
N ALA A 88 23.00 1.56 2.08
CA ALA A 88 23.65 1.70 0.78
C ALA A 88 24.04 3.11 0.40
N GLU A 89 24.83 3.25 -0.65
CA GLU A 89 25.23 4.56 -1.10
C GLU A 89 24.76 4.67 -2.54
N VAL A 90 24.23 5.83 -2.90
CA VAL A 90 23.77 6.06 -4.26
C VAL A 90 24.59 7.22 -4.83
N ARG A 91 25.03 7.10 -6.08
CA ARG A 91 25.81 8.18 -6.73
C ARG A 91 25.28 8.54 -8.12
N GLY A 92 25.38 9.81 -8.49
CA GLY A 92 24.93 10.31 -9.78
C GLY A 92 24.82 11.82 -9.73
N PRO A 93 24.43 12.45 -10.86
CA PRO A 93 24.18 13.89 -10.88
C PRO A 93 23.15 14.28 -9.85
N ALA A 94 23.37 15.36 -9.11
CA ALA A 94 22.48 15.75 -8.01
C ALA A 94 20.98 15.79 -8.34
N HIS A 95 20.61 16.40 -9.47
CA HIS A 95 19.18 16.50 -9.81
C HIS A 95 18.58 15.11 -10.10
N CYS A 96 19.37 14.23 -10.69
CA CYS A 96 18.92 12.87 -11.01
C CYS A 96 18.81 11.99 -9.75
N LEU A 97 19.69 12.18 -8.81
CA LEU A 97 19.64 11.54 -7.54
C LEU A 97 18.39 11.89 -6.79
N LEU A 98 18.06 13.14 -6.73
CA LEU A 98 16.91 13.61 -5.97
C LEU A 98 15.58 13.32 -6.66
N LEU A 99 15.62 13.14 -7.98
CA LEU A 99 14.41 12.76 -8.70
C LEU A 99 14.10 11.29 -8.44
N GLY A 100 15.12 10.45 -8.34
CA GLY A 100 14.92 9.04 -8.03
C GLY A 100 14.54 8.82 -6.57
N GLU A 101 14.99 9.73 -5.71
CA GLU A 101 14.82 9.59 -4.25
C GLU A 101 13.43 9.17 -3.75
N ARG A 102 12.40 9.95 -4.08
CA ARG A 102 11.09 9.69 -3.47
C ARG A 102 10.53 8.35 -3.88
N VAL A 103 10.54 8.08 -5.17
CA VAL A 103 10.03 6.81 -5.69
C VAL A 103 10.78 5.62 -5.10
N ALA A 104 12.11 5.69 -5.04
CA ALA A 104 12.89 4.57 -4.51
C ALA A 104 12.58 4.22 -3.04
N LEU A 105 12.46 5.24 -2.22
CA LEU A 105 12.13 5.06 -0.81
C LEU A 105 10.73 4.54 -0.58
N ASN A 106 9.76 5.08 -1.31
CA ASN A 106 8.38 4.60 -1.23
C ASN A 106 8.31 3.12 -1.54
N MET A 107 9.04 2.71 -2.57
CA MET A 107 9.02 1.31 -2.97
C MET A 107 9.64 0.49 -1.82
N LEU A 108 10.87 0.85 -1.45
CA LEU A 108 11.67 0.09 -0.49
C LEU A 108 10.99 0.02 0.86
N ALA A 109 10.43 1.15 1.27
CA ALA A 109 9.72 1.24 2.55
C ALA A 109 8.60 0.21 2.65
N ARG A 110 7.92 -0.03 1.54
CA ARG A 110 6.77 -0.95 1.53
C ARG A 110 7.18 -2.37 1.26
N CYS A 111 8.18 -2.54 0.41
CA CYS A 111 8.65 -3.88 0.11
C CYS A 111 9.21 -4.46 1.40
N SER A 112 9.86 -3.60 2.16
CA SER A 112 10.52 -4.03 3.39
C SER A 112 9.53 -4.17 4.54
N GLY A 113 8.47 -3.36 4.52
CA GLY A 113 7.41 -3.46 5.53
C GLY A 113 6.70 -4.79 5.44
N VAL A 114 6.39 -5.19 4.21
CA VAL A 114 5.82 -6.53 3.97
C VAL A 114 6.79 -7.65 4.40
N ALA A 115 8.05 -7.53 3.99
CA ALA A 115 9.03 -8.56 4.31
C ALA A 115 9.25 -8.69 5.82
N SER A 116 9.15 -7.57 6.54
CA SER A 116 9.34 -7.57 7.99
C SER A 116 8.20 -8.27 8.71
N ALA A 117 6.98 -7.97 8.27
CA ALA A 117 5.80 -8.64 8.80
C ALA A 117 5.90 -10.13 8.53
N ALA A 118 6.27 -10.45 7.30
CA ALA A 118 6.39 -11.82 6.87
C ALA A 118 7.35 -12.54 7.81
N ALA A 119 8.51 -11.95 8.05
CA ALA A 119 9.55 -12.62 8.83
C ALA A 119 9.15 -12.77 10.31
N THR A 120 8.45 -11.76 10.83
CA THR A 120 7.96 -11.79 12.20
C THR A 120 6.96 -12.93 12.37
N ALA A 121 6.04 -13.05 11.42
CA ALA A 121 5.08 -14.15 11.39
C ALA A 121 5.76 -15.51 11.25
N VAL A 122 6.74 -15.61 10.36
CA VAL A 122 7.43 -16.87 10.11
C VAL A 122 8.27 -17.32 11.31
N GLU A 123 8.90 -16.40 11.99
CA GLU A 123 9.69 -16.67 13.15
C GLU A 123 8.85 -17.14 14.32
N THR A 124 7.78 -16.42 14.61
CA THR A 124 6.73 -16.84 15.55
C THR A 124 6.19 -18.24 15.26
N ALA A 125 5.92 -18.53 13.99
CA ALA A 125 5.38 -19.84 13.59
C ALA A 125 6.39 -20.95 13.82
N ARG A 126 7.62 -20.67 13.58
CA ARG A 126 8.70 -21.57 13.82
C ARG A 126 8.81 -21.88 15.32
N GLY A 127 8.66 -20.87 16.12
CA GLY A 127 8.77 -20.98 17.56
C GLY A 127 8.01 -22.16 18.15
N THR A 128 6.88 -22.50 17.53
CA THR A 128 6.02 -23.57 18.02
C THR A 128 6.48 -24.96 17.57
N GLY A 129 7.54 -25.02 16.79
CA GLY A 129 8.00 -26.28 16.23
C GLY A 129 7.31 -26.65 14.93
N TRP A 130 6.19 -25.98 14.64
CA TRP A 130 5.39 -26.22 13.43
C TRP A 130 6.24 -26.23 12.16
N ALA A 131 6.01 -27.20 11.28
CA ALA A 131 6.83 -27.31 10.08
C ALA A 131 6.14 -26.72 8.84
N GLY A 132 5.02 -26.04 9.06
CA GLY A 132 4.19 -25.62 7.96
C GLY A 132 4.65 -24.35 7.29
N HIS A 133 3.93 -23.95 6.26
CA HIS A 133 4.30 -22.73 5.57
C HIS A 133 3.39 -21.57 6.01
N VAL A 134 3.99 -20.40 6.13
CA VAL A 134 3.24 -19.19 6.38
C VAL A 134 3.09 -18.50 5.02
N ALA A 135 1.87 -18.18 4.61
CA ALA A 135 1.62 -17.64 3.27
C ALA A 135 0.95 -16.29 3.28
N GLY A 136 1.18 -15.52 2.22
CA GLY A 136 0.44 -14.29 1.96
C GLY A 136 -0.87 -14.63 1.28
N THR A 137 -1.48 -13.64 0.62
CA THR A 137 -2.78 -13.81 -0.03
C THR A 137 -2.84 -12.99 -1.33
N ARG A 138 -4.04 -12.80 -1.86
CA ARG A 138 -4.21 -11.91 -3.01
C ARG A 138 -4.71 -10.54 -2.56
N LYS A 139 -4.61 -10.26 -1.26
CA LYS A 139 -4.94 -8.92 -0.74
C LYS A 139 -3.76 -7.95 -0.84
N THR A 140 -3.41 -7.63 -2.08
CA THR A 140 -2.24 -6.82 -2.38
C THR A 140 -2.71 -5.49 -2.95
N THR A 141 -1.84 -4.48 -2.94
CA THR A 141 -2.22 -3.18 -3.50
C THR A 141 -2.24 -3.35 -5.01
N PRO A 142 -3.36 -3.00 -5.66
CA PRO A 142 -3.44 -3.09 -7.12
C PRO A 142 -2.32 -2.31 -7.78
N GLY A 143 -1.70 -2.95 -8.75
CA GLY A 143 -0.60 -2.37 -9.50
C GLY A 143 0.75 -2.73 -8.90
N PHE A 144 0.78 -3.03 -7.60
CA PHE A 144 2.05 -3.17 -6.89
C PHE A 144 2.20 -4.60 -6.39
N ARG A 145 1.56 -5.57 -7.06
CA ARG A 145 1.63 -6.96 -6.57
C ARG A 145 3.02 -7.61 -6.68
N LEU A 146 3.77 -7.25 -7.72
CA LEU A 146 5.08 -7.86 -7.92
C LEU A 146 5.94 -7.50 -6.72
N VAL A 147 5.94 -6.24 -6.36
CA VAL A 147 6.79 -5.83 -5.26
C VAL A 147 6.35 -6.50 -3.95
N GLU A 148 5.04 -6.59 -3.71
CA GLU A 148 4.53 -7.12 -2.43
C GLU A 148 4.79 -8.62 -2.28
N LYS A 149 4.58 -9.36 -3.34
CA LYS A 149 4.91 -10.79 -3.34
C LYS A 149 6.39 -11.06 -3.13
N TYR A 150 7.24 -10.30 -3.81
CA TYR A 150 8.68 -10.40 -3.59
C TYR A 150 9.07 -10.08 -2.13
N GLY A 151 8.52 -9.00 -1.57
CA GLY A 151 8.68 -8.73 -0.15
C GLY A 151 8.35 -9.94 0.72
N LEU A 152 7.17 -10.52 0.50
CA LEU A 152 6.76 -11.72 1.22
C LEU A 152 7.81 -12.84 1.20
N LEU A 153 8.32 -13.12 0.00
CA LEU A 153 9.32 -14.16 -0.19
C LEU A 153 10.60 -13.80 0.55
N VAL A 154 11.03 -12.54 0.49
CA VAL A 154 12.25 -12.12 1.18
C VAL A 154 12.09 -12.29 2.70
N GLY A 155 10.88 -12.06 3.20
CA GLY A 155 10.58 -12.32 4.59
C GLY A 155 10.45 -13.80 4.92
N GLY A 156 10.49 -14.66 3.91
CA GLY A 156 10.47 -16.09 4.16
C GLY A 156 9.09 -16.72 4.10
N ALA A 157 8.11 -15.94 3.68
CA ALA A 157 6.76 -16.45 3.49
C ALA A 157 6.63 -16.93 2.06
N THR A 158 5.68 -17.82 1.82
CA THR A 158 5.45 -18.31 0.47
C THR A 158 4.44 -17.41 -0.20
N SER A 159 4.60 -17.19 -1.51
CA SER A 159 3.75 -16.26 -2.24
C SER A 159 2.27 -16.62 -2.17
N HIS A 160 1.98 -17.92 -2.04
CA HIS A 160 0.67 -18.49 -2.33
C HIS A 160 0.42 -18.25 -3.80
N ARG A 161 -0.84 -18.15 -4.17
CA ARG A 161 -1.20 -17.93 -5.54
C ARG A 161 -0.84 -16.51 -5.95
N TYR A 162 -0.08 -16.40 -7.04
CA TYR A 162 0.27 -15.09 -7.55
C TYR A 162 -0.92 -14.44 -8.23
N ASP A 163 -1.53 -15.16 -9.18
CA ASP A 163 -2.70 -14.63 -9.89
C ASP A 163 -3.79 -15.68 -10.13
N LEU A 164 -4.85 -15.27 -10.82
CA LEU A 164 -6.01 -16.13 -11.06
C LEU A 164 -5.77 -17.25 -12.10
N GLY A 165 -4.52 -17.48 -12.45
CA GLY A 165 -4.19 -18.58 -13.35
C GLY A 165 -3.20 -19.57 -12.77
N GLY A 166 -2.83 -19.39 -11.50
CA GLY A 166 -1.80 -20.23 -10.91
C GLY A 166 -2.31 -21.52 -10.26
N LEU A 167 -3.50 -21.49 -9.71
CA LEU A 167 -4.18 -22.63 -9.18
C LEU A 167 -5.64 -22.28 -9.11
N VAL A 168 -6.49 -23.23 -9.26
CA VAL A 168 -7.93 -23.01 -9.31
C VAL A 168 -8.46 -22.92 -7.89
N MET A 169 -8.66 -21.69 -7.44
CA MET A 169 -9.14 -21.43 -6.08
C MET A 169 -10.65 -21.28 -6.06
N VAL A 170 -11.31 -22.27 -5.48
CA VAL A 170 -12.76 -22.26 -5.32
C VAL A 170 -13.12 -21.65 -3.97
N LYS A 171 -13.64 -20.42 -3.97
CA LYS A 171 -14.04 -19.71 -2.75
C LYS A 171 -15.53 -19.84 -2.41
N ASP A 172 -15.91 -19.28 -1.26
CA ASP A 172 -17.30 -19.14 -0.81
C ASP A 172 -18.26 -18.82 -1.94
N ASN A 173 -18.07 -17.65 -2.53
CA ASN A 173 -18.90 -17.17 -3.62
C ASN A 173 -18.99 -18.15 -4.78
N HIS A 174 -17.88 -18.79 -5.12
CA HIS A 174 -17.88 -19.71 -6.28
C HIS A 174 -18.71 -20.96 -6.00
N VAL A 175 -18.66 -21.42 -4.76
CA VAL A 175 -19.42 -22.61 -4.35
C VAL A 175 -20.90 -22.32 -4.56
N VAL A 176 -21.31 -21.13 -4.11
CA VAL A 176 -22.71 -20.71 -4.15
C VAL A 176 -23.20 -20.55 -5.58
N ALA A 177 -22.35 -19.99 -6.44
CA ALA A 177 -22.71 -19.83 -7.83
C ALA A 177 -22.77 -21.20 -8.50
N ALA A 178 -21.96 -22.12 -8.00
CA ALA A 178 -21.88 -23.45 -8.61
C ALA A 178 -23.00 -24.36 -8.14
N GLY A 179 -23.57 -24.05 -6.98
CA GLY A 179 -24.68 -24.82 -6.45
C GLY A 179 -24.28 -25.93 -5.49
N GLY A 180 -23.15 -25.77 -4.82
CA GLY A 180 -22.66 -26.75 -3.87
C GLY A 180 -21.19 -27.06 -4.08
N VAL A 181 -20.56 -27.66 -3.10
CA VAL A 181 -19.17 -28.01 -3.21
C VAL A 181 -18.80 -29.02 -4.28
N LYS A 182 -19.51 -30.12 -4.38
CA LYS A 182 -19.21 -31.13 -5.40
C LYS A 182 -19.27 -30.53 -6.80
N GLN A 183 -20.33 -29.77 -7.05
CA GLN A 183 -20.54 -29.13 -8.34
C GLN A 183 -19.40 -28.19 -8.67
N ALA A 184 -18.94 -27.43 -7.68
CA ALA A 184 -17.84 -26.48 -7.90
C ALA A 184 -16.53 -27.19 -8.21
N VAL A 185 -16.19 -28.19 -7.43
CA VAL A 185 -14.96 -28.90 -7.64
C VAL A 185 -14.96 -29.61 -8.97
N GLN A 186 -16.12 -30.02 -9.39
CA GLN A 186 -16.27 -30.68 -10.68
C GLN A 186 -15.85 -29.78 -11.84
N GLY A 187 -16.28 -28.52 -11.82
CA GLY A 187 -15.89 -27.57 -12.85
C GLY A 187 -14.45 -27.11 -12.65
N ALA A 188 -14.02 -27.06 -11.40
CA ALA A 188 -12.64 -26.72 -11.06
C ALA A 188 -11.69 -27.76 -11.64
N ARG A 189 -12.09 -29.03 -11.52
CA ARG A 189 -11.32 -30.14 -12.07
C ARG A 189 -11.08 -30.01 -13.58
N ARG A 190 -12.14 -29.78 -14.33
CA ARG A 190 -12.08 -29.59 -15.76
C ARG A 190 -11.25 -28.39 -16.12
N ALA A 191 -11.26 -27.40 -15.28
CA ALA A 191 -10.49 -26.18 -15.49
C ALA A 191 -9.01 -26.39 -15.17
N ALA A 192 -8.74 -27.21 -14.15
CA ALA A 192 -7.36 -27.43 -13.71
C ALA A 192 -6.59 -28.45 -14.54
N ASN A 193 -7.22 -29.57 -14.82
CA ASN A 193 -6.57 -30.68 -15.49
C ASN A 193 -5.42 -31.15 -14.70
N PHE A 194 -4.38 -31.59 -15.33
CA PHE A 194 -3.20 -32.04 -14.60
C PHE A 194 -2.34 -30.86 -14.16
N ALA A 195 -2.26 -29.83 -14.99
CA ALA A 195 -1.36 -28.70 -14.72
C ALA A 195 -1.57 -27.99 -13.39
N LEU A 196 -2.78 -27.49 -13.15
CA LEU A 196 -3.07 -26.67 -11.97
C LEU A 196 -3.64 -27.47 -10.80
N LYS A 197 -3.53 -26.91 -9.61
CA LYS A 197 -4.15 -27.52 -8.43
C LYS A 197 -5.54 -26.92 -8.15
N VAL A 198 -6.31 -27.64 -7.35
CA VAL A 198 -7.64 -27.18 -6.93
C VAL A 198 -7.69 -27.03 -5.42
N GLU A 199 -7.99 -25.81 -4.98
CA GLU A 199 -8.18 -25.51 -3.58
C GLU A 199 -9.60 -24.99 -3.41
N VAL A 200 -10.29 -25.52 -2.40
CA VAL A 200 -11.66 -25.14 -2.10
C VAL A 200 -11.74 -24.70 -0.65
N GLU A 201 -12.25 -23.50 -0.40
CA GLU A 201 -12.49 -23.12 0.99
C GLU A 201 -13.79 -23.74 1.50
N CYS A 202 -13.76 -24.21 2.74
CA CYS A 202 -14.88 -24.96 3.31
C CYS A 202 -15.24 -24.33 4.65
N SER A 203 -16.52 -24.38 4.99
CA SER A 203 -17.02 -23.76 6.22
C SER A 203 -17.25 -24.77 7.34
N SER A 204 -17.44 -26.04 6.95
CA SER A 204 -17.68 -27.13 7.89
C SER A 204 -16.81 -28.32 7.56
N LEU A 205 -16.95 -29.39 8.34
CA LEU A 205 -16.23 -30.64 8.08
C LEU A 205 -16.81 -31.40 6.90
N GLN A 206 -18.13 -31.38 6.77
CA GLN A 206 -18.80 -32.01 5.63
C GLN A 206 -18.25 -31.45 4.34
N GLU A 207 -18.23 -30.12 4.26
CA GLU A 207 -17.74 -29.44 3.07
C GLU A 207 -16.31 -29.85 2.75
N ALA A 208 -15.47 -29.91 3.78
CA ALA A 208 -14.07 -30.27 3.60
C ALA A 208 -13.89 -31.70 3.10
N LEU A 209 -14.77 -32.59 3.53
CA LEU A 209 -14.70 -33.98 3.11
C LEU A 209 -15.30 -34.15 1.73
N GLU A 210 -16.39 -33.42 1.48
CA GLU A 210 -16.99 -33.39 0.15
C GLU A 210 -15.98 -32.86 -0.85
N ALA A 211 -15.23 -31.84 -0.44
CA ALA A 211 -14.17 -31.26 -1.27
C ALA A 211 -13.13 -32.31 -1.62
N ALA A 212 -12.54 -32.91 -0.59
CA ALA A 212 -11.48 -33.89 -0.77
C ALA A 212 -11.95 -35.10 -1.58
N GLU A 213 -13.24 -35.40 -1.46
CA GLU A 213 -13.81 -36.57 -2.10
C GLU A 213 -14.04 -36.28 -3.56
N ALA A 214 -14.29 -35.03 -3.87
CA ALA A 214 -14.50 -34.62 -5.26
C ALA A 214 -13.19 -34.59 -6.03
N GLY A 215 -12.08 -34.53 -5.31
CA GLY A 215 -10.77 -34.48 -5.93
C GLY A 215 -10.00 -33.19 -5.69
N ALA A 216 -10.34 -32.48 -4.61
CA ALA A 216 -9.57 -31.30 -4.25
C ALA A 216 -8.15 -31.73 -3.90
N ASP A 217 -7.19 -30.85 -4.10
CA ASP A 217 -5.82 -31.13 -3.72
C ASP A 217 -5.52 -30.49 -2.37
N LEU A 218 -6.14 -29.34 -2.14
CA LEU A 218 -5.94 -28.61 -0.90
C LEU A 218 -7.29 -28.21 -0.34
N VAL A 219 -7.38 -28.18 0.99
CA VAL A 219 -8.58 -27.71 1.65
C VAL A 219 -8.24 -26.48 2.47
N LEU A 220 -8.98 -25.41 2.24
CA LEU A 220 -8.79 -24.19 3.01
C LEU A 220 -9.86 -24.07 4.07
N LEU A 221 -9.48 -24.35 5.31
CA LEU A 221 -10.40 -24.25 6.43
C LEU A 221 -10.49 -22.81 6.88
N ASP A 222 -11.56 -22.16 6.44
CA ASP A 222 -11.68 -20.71 6.54
C ASP A 222 -12.47 -20.20 7.75
N ASN A 223 -11.85 -19.29 8.49
CA ASN A 223 -12.48 -18.66 9.65
C ASN A 223 -12.99 -19.61 10.74
N PHE A 224 -12.24 -20.68 11.01
CA PHE A 224 -12.49 -21.54 12.16
C PHE A 224 -11.86 -20.92 13.39
N ARG A 225 -12.46 -21.12 14.55
CA ARG A 225 -11.73 -20.88 15.78
C ARG A 225 -10.73 -22.02 15.83
N PRO A 226 -9.55 -21.77 16.42
CA PRO A 226 -8.56 -22.85 16.47
C PRO A 226 -9.06 -24.07 17.24
N GLU A 227 -9.89 -23.87 18.27
CA GLU A 227 -10.46 -25.00 19.03
C GLU A 227 -11.20 -25.96 18.11
N GLU A 228 -11.95 -25.41 17.15
CA GLU A 228 -12.70 -26.22 16.20
C GLU A 228 -11.87 -26.58 14.96
N LEU A 229 -10.75 -25.90 14.75
CA LEU A 229 -9.94 -26.09 13.53
C LEU A 229 -9.15 -27.39 13.47
N HIS A 230 -8.37 -27.66 14.51
CA HIS A 230 -7.44 -28.79 14.52
C HIS A 230 -8.08 -30.19 14.55
N PRO A 231 -9.19 -30.36 15.30
CA PRO A 231 -9.90 -31.64 15.18
C PRO A 231 -10.48 -31.84 13.79
N THR A 232 -11.09 -30.80 13.22
CA THR A 232 -11.58 -30.86 11.84
C THR A 232 -10.43 -31.26 10.90
N ALA A 233 -9.25 -30.68 11.15
CA ALA A 233 -8.08 -30.96 10.32
C ALA A 233 -7.63 -32.41 10.46
N ALA A 234 -7.49 -32.87 11.70
CA ALA A 234 -7.13 -34.26 11.97
C ALA A 234 -8.12 -35.21 11.31
N ALA A 235 -9.40 -34.93 11.53
CA ALA A 235 -10.49 -35.66 10.88
C ALA A 235 -10.31 -35.75 9.37
N LEU A 236 -10.12 -34.59 8.73
CA LEU A 236 -9.96 -34.57 7.28
C LEU A 236 -8.72 -35.35 6.85
N LYS A 237 -7.63 -35.17 7.58
CA LYS A 237 -6.40 -35.89 7.28
C LYS A 237 -6.61 -37.40 7.47
N ALA A 238 -7.47 -37.74 8.42
CA ALA A 238 -7.72 -39.14 8.78
C ALA A 238 -8.49 -39.89 7.70
N GLN A 239 -9.38 -39.19 7.02
CA GLN A 239 -10.16 -39.77 5.93
C GLN A 239 -9.48 -39.48 4.59
N PHE A 240 -8.55 -38.53 4.59
CA PHE A 240 -7.83 -38.14 3.39
C PHE A 240 -6.40 -37.69 3.75
N PRO A 241 -5.44 -38.62 3.67
CA PRO A 241 -4.06 -38.41 4.11
C PRO A 241 -3.18 -37.53 3.20
N THR A 242 -3.52 -37.43 1.93
CA THR A 242 -2.70 -36.69 0.96
C THR A 242 -3.09 -35.21 0.83
N VAL A 243 -4.35 -34.92 1.14
CA VAL A 243 -4.94 -33.60 0.90
C VAL A 243 -4.35 -32.48 1.77
N GLY A 244 -3.75 -31.49 1.10
CA GLY A 244 -3.24 -30.32 1.77
C GLY A 244 -4.32 -29.53 2.49
N VAL A 245 -4.02 -29.06 3.68
CA VAL A 245 -4.96 -28.26 4.45
C VAL A 245 -4.36 -26.88 4.68
N GLU A 246 -5.15 -25.82 4.46
CA GLU A 246 -4.71 -24.46 4.73
C GLU A 246 -5.64 -23.83 5.75
N ALA A 247 -5.11 -23.00 6.65
CA ALA A 247 -5.94 -22.26 7.60
C ALA A 247 -5.83 -20.75 7.39
N SER A 248 -6.97 -20.08 7.35
CA SER A 248 -7.01 -18.66 7.01
C SER A 248 -8.20 -17.99 7.69
N GLY A 249 -8.09 -16.69 7.94
CA GLY A 249 -9.22 -15.91 8.45
C GLY A 249 -9.13 -15.50 9.91
N GLY A 250 -8.93 -14.21 10.17
CA GLY A 250 -8.83 -13.71 11.53
C GLY A 250 -7.52 -14.10 12.20
N VAL A 251 -6.49 -14.30 11.39
CA VAL A 251 -5.17 -14.69 11.88
C VAL A 251 -4.30 -13.45 12.01
N THR A 252 -3.55 -13.35 13.11
CA THR A 252 -2.75 -12.18 13.38
C THR A 252 -1.39 -12.60 13.92
N LEU A 253 -0.48 -11.67 13.96
CA LEU A 253 0.82 -11.98 14.43
C LEU A 253 0.73 -12.48 15.88
N ASP A 254 -0.20 -11.97 16.66
CA ASP A 254 -0.34 -12.33 18.07
C ASP A 254 -1.04 -13.68 18.29
N ASN A 255 -2.07 -13.96 17.50
CA ASN A 255 -2.83 -15.20 17.68
C ASN A 255 -2.35 -16.39 16.85
N LEU A 256 -1.40 -16.14 15.96
CA LEU A 256 -0.86 -17.17 15.05
C LEU A 256 -0.37 -18.51 15.67
N PRO A 257 0.31 -18.46 16.83
CA PRO A 257 0.72 -19.75 17.42
C PRO A 257 -0.44 -20.72 17.67
N GLN A 258 -1.61 -20.20 18.02
CA GLN A 258 -2.79 -21.03 18.23
C GLN A 258 -3.19 -21.80 16.98
N PHE A 259 -2.89 -21.22 15.82
CA PHE A 259 -3.30 -21.80 14.56
C PHE A 259 -2.32 -22.86 14.07
N CYS A 260 -1.15 -22.94 14.70
CA CYS A 260 -0.12 -23.93 14.30
C CYS A 260 -0.37 -25.32 14.90
N GLY A 261 -0.83 -26.25 14.07
CA GLY A 261 -1.07 -27.62 14.49
C GLY A 261 -0.55 -28.64 13.49
N PRO A 262 -0.50 -29.91 13.89
CA PRO A 262 0.17 -30.94 13.11
C PRO A 262 -0.56 -31.28 11.82
N HIS A 263 -1.83 -30.92 11.72
CA HIS A 263 -2.62 -31.27 10.55
C HIS A 263 -2.90 -30.06 9.64
N ILE A 264 -2.16 -29.00 9.90
CA ILE A 264 -2.25 -27.76 9.12
C ILE A 264 -0.95 -27.60 8.33
N ASP A 265 -1.06 -27.61 7.00
CA ASP A 265 0.12 -27.43 6.15
C ASP A 265 0.42 -25.96 5.81
N VAL A 266 -0.59 -25.10 5.86
CA VAL A 266 -0.44 -23.70 5.46
C VAL A 266 -1.29 -22.79 6.32
N ILE A 267 -0.71 -21.67 6.74
CA ILE A 267 -1.46 -20.63 7.42
C ILE A 267 -1.25 -19.33 6.67
N SER A 268 -2.34 -18.73 6.19
CA SER A 268 -2.20 -17.48 5.43
C SER A 268 -2.83 -16.32 6.17
N LEU A 269 -2.17 -15.18 6.06
CA LEU A 269 -2.54 -13.97 6.80
C LEU A 269 -2.69 -12.84 5.79
N GLY A 270 -3.84 -12.17 5.81
CA GLY A 270 -4.04 -10.99 5.00
C GLY A 270 -3.27 -9.81 5.55
N MET A 271 -3.01 -9.83 6.87
CA MET A 271 -2.37 -8.68 7.51
C MET A 271 -0.93 -8.48 7.08
N LEU A 272 -0.38 -9.45 6.35
CA LEU A 272 1.00 -9.33 5.91
C LEU A 272 1.11 -8.21 4.86
N THR A 273 0.01 -7.97 4.14
CA THR A 273 0.01 -6.95 3.08
C THR A 273 -0.99 -5.84 3.41
N GLN A 274 -2.05 -6.19 4.14
CA GLN A 274 -3.07 -5.21 4.49
C GLN A 274 -2.72 -4.31 5.68
N ALA A 275 -1.95 -4.81 6.63
CA ALA A 275 -1.68 -4.02 7.83
C ALA A 275 -0.20 -3.98 8.20
N ALA A 276 0.67 -4.21 7.22
CA ALA A 276 2.10 -4.11 7.46
C ALA A 276 2.58 -2.68 7.27
N PRO A 277 3.01 -2.02 8.34
CA PRO A 277 3.43 -0.62 8.16
C PRO A 277 4.74 -0.50 7.39
N ALA A 278 4.89 0.58 6.64
CA ALA A 278 6.11 0.86 5.89
C ALA A 278 7.28 1.11 6.83
N LEU A 279 8.47 0.66 6.44
CA LEU A 279 9.67 1.01 7.18
C LEU A 279 10.10 2.41 6.81
N ASP A 280 10.76 3.08 7.76
CA ASP A 280 11.25 4.44 7.56
C ASP A 280 12.69 4.37 7.02
N PHE A 281 12.90 4.95 5.83
CA PHE A 281 14.23 5.08 5.28
C PHE A 281 14.39 6.54 4.96
N SER A 282 15.63 7.01 4.88
CA SER A 282 15.90 8.30 4.26
C SER A 282 17.08 8.20 3.32
N LEU A 283 17.25 9.22 2.51
CA LEU A 283 18.41 9.34 1.65
C LEU A 283 18.99 10.71 1.89
N LYS A 284 20.23 10.78 2.39
CA LYS A 284 20.86 12.09 2.62
C LYS A 284 22.14 12.24 1.81
N LEU A 285 22.25 13.34 1.06
CA LEU A 285 23.48 13.68 0.36
C LEU A 285 24.61 13.84 1.37
N PHE A 286 25.84 13.55 0.97
CA PHE A 286 27.02 13.80 1.80
C PHE A 286 28.23 14.20 0.94
N ALA A 287 29.13 14.99 1.52
CA ALA A 287 30.27 15.53 0.77
C ALA A 287 31.48 14.59 0.70
N GLU A 288 32.04 14.44 -0.47
CA GLU A 288 33.31 13.77 -0.69
C GLU A 288 33.43 13.66 -2.19
N MET B 1 -14.65 21.19 -0.58
CA MET B 1 -14.42 19.75 -0.74
C MET B 1 -15.39 18.88 0.06
N ASP B 2 -16.68 19.14 -0.10
CA ASP B 2 -17.71 18.27 0.47
C ASP B 2 -17.55 16.89 -0.15
N PRO B 3 -17.62 15.83 0.67
CA PRO B 3 -17.33 14.42 0.36
C PRO B 3 -17.68 13.95 -1.07
N GLU B 4 -18.95 14.04 -1.45
CA GLU B 4 -19.41 13.49 -2.74
C GLU B 4 -18.91 14.28 -3.95
N GLY B 5 -18.56 15.54 -3.71
CA GLY B 5 -18.11 16.41 -4.79
C GLY B 5 -16.71 16.05 -5.22
N LEU B 6 -16.00 15.31 -4.39
CA LEU B 6 -14.67 14.97 -4.72
C LEU B 6 -14.53 13.98 -5.88
N ALA B 7 -15.56 13.22 -6.12
CA ALA B 7 -15.60 12.33 -7.29
C ALA B 7 -15.39 13.11 -8.60
N LEU B 8 -15.78 14.38 -8.61
CA LEU B 8 -15.68 15.21 -9.82
C LEU B 8 -14.23 15.51 -10.22
N LEU B 9 -13.29 15.29 -9.31
CA LEU B 9 -11.88 15.53 -9.63
C LEU B 9 -11.29 14.50 -10.60
N LEU B 10 -11.96 13.36 -10.83
CA LEU B 10 -11.35 12.26 -11.60
C LEU B 10 -11.92 12.06 -13.02
N PRO B 11 -11.11 12.33 -14.06
CA PRO B 11 -11.57 12.06 -15.44
C PRO B 11 -11.92 10.59 -15.60
N PRO B 12 -13.05 10.28 -16.27
CA PRO B 12 -13.42 8.87 -16.27
C PRO B 12 -12.50 8.00 -17.14
N ALA B 13 -11.78 8.59 -18.09
CA ALA B 13 -10.87 7.78 -18.89
C ALA B 13 -9.65 7.38 -18.05
N THR B 14 -9.26 8.25 -17.14
CA THR B 14 -8.18 7.91 -16.22
C THR B 14 -8.59 6.68 -15.42
N LEU B 15 -9.87 6.60 -15.09
CA LEU B 15 -10.38 5.56 -14.21
C LEU B 15 -10.47 4.23 -14.95
N ALA B 16 -10.94 4.30 -16.20
CA ALA B 16 -11.03 3.12 -17.03
C ALA B 16 -9.65 2.50 -17.25
N THR B 17 -8.66 3.37 -17.52
CA THR B 17 -7.28 2.96 -17.77
C THR B 17 -6.64 2.31 -16.55
N LEU B 18 -6.83 2.93 -15.38
CA LEU B 18 -6.30 2.38 -14.14
C LEU B 18 -6.90 0.99 -13.85
N ALA B 19 -8.23 0.90 -13.93
CA ALA B 19 -8.97 -0.33 -13.66
C ALA B 19 -8.50 -1.48 -14.55
N ASP B 20 -8.39 -1.16 -15.83
CA ASP B 20 -7.86 -2.07 -16.84
C ASP B 20 -6.51 -2.61 -16.46
N SER B 21 -5.59 -1.74 -16.07
CA SER B 21 -4.25 -2.27 -15.75
C SER B 21 -4.27 -3.12 -14.48
N TRP B 22 -5.16 -2.83 -13.54
CA TRP B 22 -5.22 -3.63 -12.31
C TRP B 22 -5.79 -5.04 -12.58
N LEU B 23 -6.83 -5.12 -13.41
CA LEU B 23 -7.40 -6.42 -13.76
C LEU B 23 -6.43 -7.22 -14.60
N ARG B 24 -5.64 -6.51 -15.41
CA ARG B 24 -4.60 -7.16 -16.18
C ARG B 24 -3.58 -7.79 -15.25
N GLU B 25 -3.16 -7.04 -14.25
CA GLU B 25 -2.24 -7.54 -13.25
C GLU B 25 -2.78 -8.80 -12.61
N ASP B 26 -4.08 -8.81 -12.28
CA ASP B 26 -4.63 -9.95 -11.54
C ASP B 26 -4.94 -11.14 -12.43
N CYS B 27 -5.19 -10.92 -13.71
CA CYS B 27 -5.55 -12.01 -14.61
C CYS B 27 -5.05 -11.69 -16.00
N PRO B 28 -3.77 -12.02 -16.28
CA PRO B 28 -3.11 -11.61 -17.52
C PRO B 28 -3.60 -12.38 -18.73
N GLY B 29 -4.01 -13.64 -18.55
CA GLY B 29 -4.52 -14.44 -19.65
C GLY B 29 -5.91 -15.01 -19.42
N LEU B 30 -5.99 -16.35 -19.30
CA LEU B 30 -7.23 -17.07 -19.09
C LEU B 30 -7.69 -17.03 -17.62
N ASN B 31 -9.01 -17.05 -17.41
CA ASN B 31 -9.59 -17.08 -16.06
C ASN B 31 -10.25 -18.44 -15.78
N PRO B 32 -9.46 -19.48 -15.49
CA PRO B 32 -9.98 -20.85 -15.38
C PRO B 32 -11.21 -21.00 -14.48
N VAL B 33 -11.21 -20.31 -13.33
CA VAL B 33 -12.29 -20.48 -12.33
C VAL B 33 -13.67 -20.09 -12.88
N ALA B 34 -13.68 -19.36 -13.99
CA ALA B 34 -14.92 -19.03 -14.67
C ALA B 34 -15.75 -20.28 -15.01
N LEU B 35 -15.08 -21.41 -15.23
CA LEU B 35 -15.81 -22.64 -15.56
C LEU B 35 -16.54 -23.15 -14.32
N VAL B 36 -15.97 -22.90 -13.15
CA VAL B 36 -16.61 -23.29 -11.89
C VAL B 36 -18.04 -22.76 -11.74
N THR B 37 -18.25 -21.48 -12.08
CA THR B 37 -19.52 -20.84 -11.80
C THR B 37 -20.48 -20.70 -12.98
N GLY B 38 -19.93 -20.44 -14.17
CA GLY B 38 -20.78 -20.15 -15.31
C GLY B 38 -21.13 -18.68 -15.25
N ALA B 39 -22.11 -18.28 -16.05
CA ALA B 39 -22.33 -16.86 -16.29
C ALA B 39 -23.73 -16.34 -15.92
N ALA B 40 -24.51 -17.12 -15.19
CA ALA B 40 -25.86 -16.68 -14.84
C ALA B 40 -25.86 -15.28 -14.20
N PRO B 41 -26.87 -14.45 -14.53
CA PRO B 41 -26.91 -13.12 -13.91
C PRO B 41 -26.95 -13.28 -12.41
N SER B 42 -26.17 -12.46 -11.72
CA SER B 42 -26.05 -12.61 -10.29
C SER B 42 -25.95 -11.24 -9.66
N GLN B 43 -25.98 -11.23 -8.34
CA GLN B 43 -25.99 -10.01 -7.57
C GLN B 43 -25.16 -10.30 -6.32
N ALA B 44 -24.40 -9.30 -5.88
CA ALA B 44 -23.66 -9.46 -4.64
C ALA B 44 -23.75 -8.21 -3.80
N VAL B 45 -23.71 -8.39 -2.48
CA VAL B 45 -23.65 -7.27 -1.57
C VAL B 45 -22.20 -7.04 -1.16
N LEU B 46 -21.83 -5.79 -1.04
CA LEU B 46 -20.54 -5.37 -0.56
C LEU B 46 -20.77 -5.00 0.89
N TRP B 47 -20.06 -5.63 1.82
CA TRP B 47 -20.22 -5.36 3.25
C TRP B 47 -18.97 -4.69 3.79
N ALA B 48 -19.16 -3.65 4.59
CA ALA B 48 -18.07 -3.04 5.32
C ALA B 48 -17.96 -3.68 6.71
N LYS B 49 -16.87 -4.39 6.99
CA LYS B 49 -16.73 -5.04 8.29
C LYS B 49 -15.88 -4.24 9.29
N SER B 50 -15.28 -3.14 8.82
CA SER B 50 -14.51 -2.25 9.69
C SER B 50 -15.17 -0.90 9.77
N PRO B 51 -15.02 -0.22 10.92
CA PRO B 51 -15.48 1.15 11.08
C PRO B 51 -14.56 2.11 10.34
N GLY B 52 -15.06 3.29 9.98
CA GLY B 52 -14.25 4.28 9.31
C GLY B 52 -15.00 5.13 8.30
N ILE B 53 -14.35 5.41 7.17
CA ILE B 53 -14.85 6.33 6.15
C ILE B 53 -14.78 5.65 4.78
N LEU B 54 -15.86 5.70 4.01
CA LEU B 54 -15.90 5.08 2.69
C LEU B 54 -15.28 5.98 1.63
N ALA B 55 -14.32 5.44 0.88
CA ALA B 55 -13.75 6.18 -0.26
C ALA B 55 -13.31 5.22 -1.35
N GLY B 56 -13.50 5.58 -2.62
CA GLY B 56 -13.09 4.68 -3.72
C GLY B 56 -14.17 4.27 -4.72
N ARG B 57 -15.42 4.64 -4.45
CA ARG B 57 -16.52 4.38 -5.37
C ARG B 57 -16.19 4.53 -6.87
N PRO B 58 -15.61 5.68 -7.26
CA PRO B 58 -15.36 5.89 -8.70
C PRO B 58 -14.37 4.89 -9.30
N PHE B 59 -13.37 4.48 -8.52
CA PHE B 59 -12.47 3.43 -8.96
C PHE B 59 -13.22 2.09 -8.94
N PHE B 60 -14.08 1.94 -7.94
CA PHE B 60 -14.81 0.69 -7.72
C PHE B 60 -15.74 0.45 -8.90
N ASP B 61 -16.46 1.50 -9.27
CA ASP B 61 -17.35 1.44 -10.45
C ASP B 61 -16.61 1.12 -11.75
N ALA B 62 -15.42 1.69 -11.94
CA ALA B 62 -14.67 1.47 -13.19
C ALA B 62 -14.12 0.04 -13.28
N ILE B 63 -13.69 -0.46 -12.14
CA ILE B 63 -13.27 -1.83 -12.07
C ILE B 63 -14.39 -2.76 -12.56
N PHE B 64 -15.59 -2.58 -12.01
CA PHE B 64 -16.71 -3.45 -12.38
C PHE B 64 -17.27 -3.14 -13.78
N ALA B 65 -17.13 -1.90 -14.28
CA ALA B 65 -17.44 -1.64 -15.71
C ALA B 65 -16.56 -2.40 -16.70
N GLN B 66 -15.30 -2.64 -16.33
CA GLN B 66 -14.35 -3.31 -17.20
C GLN B 66 -14.63 -4.79 -17.38
N VAL B 67 -15.44 -5.36 -16.50
CA VAL B 67 -15.88 -6.73 -16.69
C VAL B 67 -17.40 -6.68 -16.73
N ASN B 68 -17.91 -5.58 -17.27
CA ASN B 68 -19.31 -5.45 -17.66
C ASN B 68 -20.29 -5.66 -16.51
N CYS B 69 -20.03 -5.04 -15.36
CA CYS B 69 -20.91 -5.22 -14.20
C CYS B 69 -21.38 -3.85 -13.70
N GLN B 70 -22.57 -3.81 -13.12
CA GLN B 70 -23.12 -2.54 -12.62
C GLN B 70 -23.18 -2.50 -11.10
N VAL B 71 -23.12 -1.28 -10.56
CA VAL B 71 -23.08 -1.10 -9.11
C VAL B 71 -24.12 -0.09 -8.69
N SER B 72 -24.92 -0.44 -7.69
CA SER B 72 -25.76 0.55 -7.02
C SER B 72 -25.27 0.76 -5.59
N TRP B 73 -25.11 2.02 -5.18
CA TRP B 73 -24.55 2.38 -3.88
C TRP B 73 -25.63 2.85 -2.91
N PHE B 74 -25.54 2.38 -1.66
CA PHE B 74 -26.52 2.67 -0.64
C PHE B 74 -25.95 3.70 0.31
N LEU B 75 -24.63 3.87 0.25
CA LEU B 75 -23.93 4.86 1.05
C LEU B 75 -23.16 5.80 0.15
N PRO B 76 -23.23 7.11 0.43
CA PRO B 76 -22.48 8.09 -0.34
C PRO B 76 -21.02 8.12 0.04
N GLU B 77 -20.19 8.68 -0.83
CA GLU B 77 -18.77 8.78 -0.58
C GLU B 77 -18.57 9.70 0.61
N GLY B 78 -17.66 9.36 1.52
CA GLY B 78 -17.44 10.18 2.69
C GLY B 78 -18.16 9.63 3.91
N SER B 79 -19.08 8.70 3.71
CA SER B 79 -19.87 8.14 4.80
C SER B 79 -19.06 7.49 5.90
N LYS B 80 -19.52 7.64 7.13
CA LYS B 80 -18.95 6.92 8.25
C LYS B 80 -19.40 5.49 8.16
N LEU B 81 -18.46 4.56 8.19
CA LEU B 81 -18.84 3.16 8.05
C LEU B 81 -19.00 2.51 9.42
N VAL B 82 -20.16 1.92 9.66
CA VAL B 82 -20.40 1.17 10.89
C VAL B 82 -20.69 -0.27 10.53
N PRO B 83 -19.91 -1.21 11.10
CA PRO B 83 -20.12 -2.63 10.81
C PRO B 83 -21.51 -3.05 11.23
N VAL B 84 -22.15 -3.94 10.47
CA VAL B 84 -21.61 -4.38 9.17
C VAL B 84 -22.46 -3.71 8.09
N ALA B 85 -22.01 -2.55 7.62
CA ALA B 85 -22.83 -1.76 6.71
C ALA B 85 -22.98 -2.48 5.38
N LYS B 86 -24.21 -2.52 4.87
CA LYS B 86 -24.49 -2.99 3.52
C LYS B 86 -24.21 -1.80 2.66
N VAL B 87 -23.15 -1.85 1.87
CA VAL B 87 -22.72 -0.60 1.29
C VAL B 87 -23.09 -0.44 -0.20
N ALA B 88 -23.14 -1.55 -0.92
CA ALA B 88 -23.56 -1.47 -2.29
C ALA B 88 -24.01 -2.82 -2.72
N GLU B 89 -24.53 -2.88 -3.94
CA GLU B 89 -24.85 -4.13 -4.57
C GLU B 89 -24.24 -4.10 -5.98
N VAL B 90 -23.73 -5.25 -6.43
CA VAL B 90 -23.11 -5.39 -7.75
C VAL B 90 -23.85 -6.45 -8.53
N ARG B 91 -24.15 -6.18 -9.79
CA ARG B 91 -24.88 -7.13 -10.63
C ARG B 91 -24.13 -7.37 -11.93
N GLY B 92 -24.20 -8.60 -12.43
CA GLY B 92 -23.52 -8.97 -13.66
C GLY B 92 -23.42 -10.47 -13.73
N PRO B 93 -22.86 -10.99 -14.83
CA PRO B 93 -22.68 -12.44 -14.96
C PRO B 93 -21.84 -12.96 -13.79
N ALA B 94 -22.17 -14.14 -13.27
CA ALA B 94 -21.46 -14.64 -12.09
C ALA B 94 -19.95 -14.67 -12.28
N HIS B 95 -19.46 -15.17 -13.42
CA HIS B 95 -18.00 -15.22 -13.59
C HIS B 95 -17.35 -13.83 -13.62
N CYS B 96 -18.07 -12.85 -14.16
CA CYS B 96 -17.51 -11.51 -14.30
C CYS B 96 -17.49 -10.76 -12.97
N LEU B 97 -18.53 -10.94 -12.19
CA LEU B 97 -18.63 -10.42 -10.85
C LEU B 97 -17.46 -10.90 -10.00
N LEU B 98 -17.11 -12.16 -10.12
CA LEU B 98 -16.07 -12.72 -9.28
C LEU B 98 -14.66 -12.45 -9.80
N LEU B 99 -14.54 -12.13 -11.08
CA LEU B 99 -13.25 -11.67 -11.59
C LEU B 99 -12.97 -10.30 -11.03
N GLY B 100 -14.00 -9.46 -11.01
CA GLY B 100 -13.85 -8.09 -10.52
C GLY B 100 -13.61 -7.99 -9.04
N GLU B 101 -14.12 -8.98 -8.29
CA GLU B 101 -14.16 -8.91 -6.83
C GLU B 101 -12.83 -8.50 -6.17
N ARG B 102 -11.79 -9.30 -6.36
CA ARG B 102 -10.55 -9.12 -5.61
C ARG B 102 -9.96 -7.73 -5.77
N VAL B 103 -9.73 -7.33 -7.02
CA VAL B 103 -9.19 -6.00 -7.29
C VAL B 103 -10.06 -4.88 -6.70
N ALA B 104 -11.36 -4.99 -6.85
CA ALA B 104 -12.25 -3.97 -6.35
C ALA B 104 -12.19 -3.86 -4.83
N LEU B 105 -12.19 -5.00 -4.13
CA LEU B 105 -12.05 -5.01 -2.66
C LEU B 105 -10.68 -4.49 -2.26
N ASN B 106 -9.62 -5.01 -2.89
CA ASN B 106 -8.25 -4.56 -2.62
C ASN B 106 -8.12 -3.05 -2.76
N MET B 107 -8.74 -2.49 -3.79
CA MET B 107 -8.68 -1.04 -3.98
C MET B 107 -9.41 -0.29 -2.86
N LEU B 108 -10.68 -0.64 -2.65
CA LEU B 108 -11.54 0.09 -1.72
C LEU B 108 -11.01 -0.02 -0.28
N ALA B 109 -10.45 -1.19 0.03
CA ALA B 109 -9.85 -1.45 1.35
C ALA B 109 -8.78 -0.43 1.65
N ARG B 110 -7.91 -0.18 0.68
CA ARG B 110 -6.85 0.80 0.86
C ARG B 110 -7.31 2.23 0.78
N CYS B 111 -8.18 2.55 -0.18
CA CYS B 111 -8.61 3.95 -0.34
C CYS B 111 -9.40 4.39 0.90
N SER B 112 -10.18 3.47 1.45
CA SER B 112 -10.96 3.73 2.64
C SER B 112 -10.09 3.70 3.89
N GLY B 113 -9.08 2.84 3.87
CA GLY B 113 -8.07 2.81 4.91
C GLY B 113 -7.39 4.16 5.02
N VAL B 114 -6.94 4.71 3.89
CA VAL B 114 -6.36 6.05 3.97
C VAL B 114 -7.36 7.14 4.40
N ALA B 115 -8.56 7.14 3.83
CA ALA B 115 -9.57 8.15 4.22
C ALA B 115 -9.85 8.09 5.74
N SER B 116 -9.98 6.86 6.26
CA SER B 116 -10.19 6.63 7.70
C SER B 116 -9.10 7.23 8.56
N ALA B 117 -7.85 6.94 8.23
CA ALA B 117 -6.72 7.55 8.92
C ALA B 117 -6.76 9.08 8.89
N ALA B 118 -7.00 9.67 7.73
CA ALA B 118 -7.09 11.14 7.62
C ALA B 118 -8.21 11.75 8.44
N ALA B 119 -9.41 11.20 8.32
CA ALA B 119 -10.59 11.76 8.97
C ALA B 119 -10.35 11.79 10.47
N THR B 120 -9.81 10.68 11.00
CA THR B 120 -9.43 10.61 12.41
C THR B 120 -8.43 11.71 12.76
N ALA B 121 -7.36 11.84 12.00
CA ALA B 121 -6.40 12.94 12.21
C ALA B 121 -7.09 14.31 12.24
N VAL B 122 -7.95 14.57 11.25
CA VAL B 122 -8.67 15.84 11.16
C VAL B 122 -9.54 16.11 12.39
N GLU B 123 -10.28 15.08 12.82
CA GLU B 123 -11.17 15.19 13.97
C GLU B 123 -10.39 15.59 15.24
N THR B 124 -9.18 15.06 15.35
CA THR B 124 -8.30 15.34 16.48
C THR B 124 -7.78 16.78 16.45
N ALA B 125 -7.25 17.19 15.31
CA ALA B 125 -6.76 18.54 15.15
C ALA B 125 -7.88 19.57 15.30
N ARG B 126 -9.09 19.22 14.88
CA ARG B 126 -10.20 20.16 14.92
C ARG B 126 -10.85 20.21 16.31
N GLY B 127 -10.68 19.12 17.07
CA GLY B 127 -11.19 19.06 18.43
C GLY B 127 -10.32 19.86 19.38
N THR B 128 -9.15 20.26 18.89
CA THR B 128 -8.29 21.15 19.64
C THR B 128 -8.69 22.60 19.33
N GLY B 129 -9.61 22.76 18.39
CA GLY B 129 -10.01 24.08 17.96
C GLY B 129 -8.92 24.77 17.18
N TRP B 130 -8.09 23.98 16.53
CA TRP B 130 -7.05 24.48 15.63
C TRP B 130 -7.66 24.66 14.25
N ALA B 131 -7.32 25.75 13.57
CA ALA B 131 -7.92 26.04 12.28
C ALA B 131 -6.95 25.95 11.09
N GLY B 132 -6.14 24.89 11.07
CA GLY B 132 -5.23 24.66 9.97
C GLY B 132 -5.65 23.46 9.14
N HIS B 133 -4.87 23.11 8.13
CA HIS B 133 -5.12 21.90 7.34
C HIS B 133 -4.26 20.72 7.81
N VAL B 134 -4.87 19.54 7.91
CA VAL B 134 -4.12 18.30 8.06
C VAL B 134 -3.77 17.81 6.66
N ALA B 135 -2.49 17.55 6.42
CA ALA B 135 -2.04 17.22 5.08
C ALA B 135 -1.46 15.81 4.99
N GLY B 136 -1.38 15.31 3.77
CA GLY B 136 -0.65 14.08 3.49
C GLY B 136 0.70 14.44 2.90
N THR B 137 1.44 13.43 2.46
CA THR B 137 2.77 13.65 1.93
C THR B 137 2.89 13.01 0.55
N ARG B 138 4.11 12.88 0.07
CA ARG B 138 4.31 12.21 -1.22
C ARG B 138 4.71 10.76 -1.00
N LYS B 139 4.53 10.27 0.23
CA LYS B 139 4.87 8.89 0.62
C LYS B 139 3.73 7.91 0.31
N THR B 140 3.49 7.73 -0.98
CA THR B 140 2.36 6.99 -1.48
C THR B 140 2.90 5.72 -2.12
N THR B 141 2.07 4.70 -2.25
CA THR B 141 2.47 3.45 -2.87
C THR B 141 2.67 3.74 -4.35
N PRO B 142 3.84 3.40 -4.89
CA PRO B 142 4.08 3.67 -6.31
C PRO B 142 3.01 3.03 -7.18
N GLY B 143 2.47 3.81 -8.11
CA GLY B 143 1.43 3.35 -9.00
C GLY B 143 0.04 3.60 -8.46
N PHE B 144 -0.06 3.87 -7.16
CA PHE B 144 -1.38 3.88 -6.55
C PHE B 144 -1.66 5.28 -5.97
N ARG B 145 -0.92 6.27 -6.45
CA ARG B 145 -1.00 7.63 -5.89
C ARG B 145 -2.35 8.31 -6.08
N LEU B 146 -3.00 8.12 -7.23
CA LEU B 146 -4.30 8.75 -7.45
C LEU B 146 -5.31 8.26 -6.42
N VAL B 147 -5.33 6.95 -6.16
CA VAL B 147 -6.26 6.40 -5.19
C VAL B 147 -5.99 6.90 -3.78
N GLU B 148 -4.72 6.95 -3.38
CA GLU B 148 -4.33 7.33 -2.02
C GLU B 148 -4.52 8.82 -1.79
N LYS B 149 -4.23 9.62 -2.81
CA LYS B 149 -4.48 11.06 -2.69
C LYS B 149 -5.98 11.34 -2.67
N TYR B 150 -6.72 10.66 -3.55
CA TYR B 150 -8.18 10.76 -3.49
C TYR B 150 -8.73 10.30 -2.12
N GLY B 151 -8.19 9.21 -1.57
CA GLY B 151 -8.56 8.75 -0.23
C GLY B 151 -8.34 9.81 0.85
N LEU B 152 -7.19 10.47 0.82
CA LEU B 152 -6.85 11.54 1.75
C LEU B 152 -7.89 12.67 1.74
N LEU B 153 -8.26 13.11 0.53
CA LEU B 153 -9.25 14.16 0.33
C LEU B 153 -10.64 13.78 0.87
N VAL B 154 -11.11 12.59 0.55
CA VAL B 154 -12.37 12.10 1.10
C VAL B 154 -12.41 12.16 2.64
N GLY B 155 -11.27 11.89 3.28
CA GLY B 155 -11.17 11.97 4.72
C GLY B 155 -11.00 13.38 5.24
N GLY B 156 -10.98 14.35 4.34
CA GLY B 156 -10.94 15.74 4.78
C GLY B 156 -9.53 16.30 4.91
N ALA B 157 -8.53 15.48 4.66
CA ALA B 157 -7.17 15.99 4.69
C ALA B 157 -6.88 16.66 3.35
N THR B 158 -5.76 17.37 3.26
CA THR B 158 -5.39 18.06 2.02
C THR B 158 -4.39 17.19 1.26
N SER B 159 -4.57 17.10 -0.05
CA SER B 159 -3.70 16.28 -0.88
C SER B 159 -2.25 16.74 -0.77
N HIS B 160 -2.08 18.06 -0.48
CA HIS B 160 -0.77 18.62 -0.53
C HIS B 160 -0.46 18.63 -1.99
N ARG B 161 0.82 18.63 -2.32
CA ARG B 161 1.27 18.71 -3.68
C ARG B 161 1.12 17.33 -4.27
N TYR B 162 0.53 17.25 -5.45
CA TYR B 162 0.30 15.95 -6.05
C TYR B 162 1.59 15.34 -6.59
N ASP B 163 2.50 16.18 -7.11
CA ASP B 163 3.74 15.69 -7.71
C ASP B 163 4.83 16.77 -7.83
N LEU B 164 5.97 16.39 -8.40
CA LEU B 164 7.09 17.31 -8.59
C LEU B 164 6.82 18.39 -9.63
N GLY B 165 5.61 18.41 -10.19
CA GLY B 165 5.27 19.37 -11.21
C GLY B 165 4.59 20.58 -10.60
N GLY B 166 4.07 20.40 -9.39
CA GLY B 166 3.37 21.47 -8.69
C GLY B 166 4.30 22.42 -7.97
N LEU B 167 4.06 22.66 -6.69
CA LEU B 167 4.87 23.61 -5.96
C LEU B 167 6.29 23.16 -5.85
N VAL B 168 7.25 24.04 -5.97
CA VAL B 168 8.68 23.76 -5.89
C VAL B 168 9.12 23.49 -4.45
N MET B 169 9.27 22.22 -4.09
CA MET B 169 9.59 21.80 -2.73
C MET B 169 11.08 21.68 -2.48
N VAL B 170 11.62 22.57 -1.66
CA VAL B 170 13.06 22.60 -1.36
C VAL B 170 13.40 21.83 -0.09
N LYS B 171 13.96 20.63 -0.26
CA LYS B 171 14.29 19.81 0.90
C LYS B 171 15.77 19.93 1.29
N ASP B 172 16.10 19.45 2.49
CA ASP B 172 17.47 19.46 3.01
C ASP B 172 18.51 19.06 1.97
N ASN B 173 18.27 17.93 1.29
CA ASN B 173 19.12 17.51 0.18
C ASN B 173 19.25 18.57 -0.88
N HIS B 174 18.16 19.27 -1.18
CA HIS B 174 18.23 20.31 -2.22
C HIS B 174 19.10 21.46 -1.75
N VAL B 175 18.94 21.84 -0.49
CA VAL B 175 19.68 22.93 0.11
C VAL B 175 21.16 22.59 0.18
N VAL B 176 21.46 21.37 0.60
CA VAL B 176 22.86 20.95 0.64
C VAL B 176 23.51 21.00 -0.74
N ALA B 177 22.92 20.31 -1.71
CA ALA B 177 23.41 20.35 -3.09
C ALA B 177 23.59 21.78 -3.61
N ALA B 178 22.63 22.63 -3.29
CA ALA B 178 22.65 24.02 -3.77
C ALA B 178 23.67 24.87 -3.01
N GLY B 179 24.24 24.32 -1.94
CA GLY B 179 25.30 25.00 -1.22
C GLY B 179 24.78 26.01 -0.21
N GLY B 180 23.46 26.09 -0.05
CA GLY B 180 22.87 26.95 0.96
C GLY B 180 21.41 27.32 0.72
N VAL B 181 20.75 27.76 1.76
CA VAL B 181 19.35 28.03 1.71
C VAL B 181 18.90 29.11 0.81
N LYS B 182 19.55 30.25 0.83
CA LYS B 182 19.16 31.33 -0.06
C LYS B 182 19.47 31.02 -1.49
N GLN B 183 20.61 30.44 -1.67
CA GLN B 183 21.04 30.01 -2.99
C GLN B 183 19.99 29.08 -3.60
N ALA B 184 19.42 28.22 -2.77
CA ALA B 184 18.43 27.21 -3.20
C ALA B 184 17.09 27.86 -3.52
N VAL B 185 16.67 28.76 -2.66
CA VAL B 185 15.49 29.50 -2.88
C VAL B 185 15.60 30.30 -4.16
N GLN B 186 16.79 30.78 -4.43
CA GLN B 186 17.08 31.57 -5.62
C GLN B 186 16.86 30.71 -6.87
N GLY B 187 17.29 29.46 -6.80
CA GLY B 187 17.04 28.52 -7.89
C GLY B 187 15.57 28.17 -7.93
N ALA B 188 14.97 28.04 -6.75
CA ALA B 188 13.57 27.69 -6.64
C ALA B 188 12.70 28.80 -7.25
N ARG B 189 13.10 30.05 -7.03
CA ARG B 189 12.33 31.19 -7.54
C ARG B 189 12.25 31.22 -9.07
N ARG B 190 13.36 30.90 -9.74
CA ARG B 190 13.36 30.85 -11.20
C ARG B 190 12.63 29.63 -11.71
N ALA B 191 12.59 28.57 -10.90
CA ALA B 191 11.85 27.38 -11.24
C ALA B 191 10.34 27.67 -11.22
N ALA B 192 9.91 28.27 -10.13
CA ALA B 192 8.50 28.52 -9.84
C ALA B 192 7.96 29.74 -10.59
N ASN B 193 8.80 30.76 -10.72
CA ASN B 193 8.41 32.01 -11.39
C ASN B 193 7.21 32.69 -10.70
N PHE B 194 6.13 32.90 -11.42
CA PHE B 194 4.94 33.48 -10.84
C PHE B 194 3.79 32.50 -10.63
N ALA B 195 3.89 31.33 -11.22
CA ALA B 195 2.81 30.35 -11.20
C ALA B 195 2.84 29.40 -10.01
N LEU B 196 4.04 29.00 -9.61
CA LEU B 196 4.20 27.95 -8.60
C LEU B 196 4.69 28.53 -7.27
N LYS B 197 4.21 27.97 -6.16
CA LYS B 197 4.71 28.33 -4.83
C LYS B 197 6.04 27.66 -4.49
N VAL B 198 6.75 28.24 -3.53
CA VAL B 198 7.99 27.69 -3.02
C VAL B 198 7.84 27.35 -1.54
N GLU B 199 8.14 26.11 -1.17
CA GLU B 199 8.20 25.73 0.23
C GLU B 199 9.62 25.25 0.52
N VAL B 200 10.11 25.49 1.74
CA VAL B 200 11.49 25.19 2.11
C VAL B 200 11.57 24.43 3.43
N GLU B 201 12.22 23.28 3.39
CA GLU B 201 12.41 22.49 4.59
C GLU B 201 13.50 23.14 5.44
N CYS B 202 13.11 23.61 6.61
CA CYS B 202 14.02 24.25 7.54
C CYS B 202 13.97 23.50 8.86
N SER B 203 15.12 23.27 9.47
CA SER B 203 15.19 22.59 10.75
C SER B 203 15.71 23.48 11.87
N SER B 204 15.73 24.79 11.61
CA SER B 204 16.13 25.78 12.62
C SER B 204 15.50 27.13 12.31
N LEU B 205 15.37 27.96 13.33
CA LEU B 205 14.76 29.28 13.16
C LEU B 205 15.51 30.13 12.14
N GLN B 206 16.84 30.15 12.25
CA GLN B 206 17.65 30.99 11.36
C GLN B 206 17.48 30.56 9.90
N GLU B 207 17.57 29.26 9.64
CA GLU B 207 17.29 28.73 8.32
C GLU B 207 15.91 29.19 7.82
N ALA B 208 14.92 29.14 8.71
CA ALA B 208 13.56 29.57 8.39
C ALA B 208 13.49 31.05 7.99
N LEU B 209 14.22 31.90 8.69
CA LEU B 209 14.25 33.32 8.37
C LEU B 209 14.87 33.62 7.01
N GLU B 210 15.98 32.94 6.71
CA GLU B 210 16.67 33.12 5.42
C GLU B 210 15.83 32.65 4.25
N ALA B 211 14.95 31.70 4.52
CA ALA B 211 14.07 31.15 3.51
C ALA B 211 12.97 32.15 3.19
N ALA B 212 12.34 32.67 4.24
CA ALA B 212 11.30 33.68 4.11
C ALA B 212 11.85 35.01 3.60
N GLU B 213 13.11 35.22 3.90
CA GLU B 213 13.82 36.36 3.45
C GLU B 213 13.97 36.41 1.95
N ALA B 214 14.43 35.32 1.38
CA ALA B 214 14.66 35.18 -0.06
C ALA B 214 13.40 34.88 -0.87
N GLY B 215 12.23 34.95 -0.22
CA GLY B 215 10.97 34.90 -0.94
C GLY B 215 10.16 33.61 -0.92
N ALA B 216 10.44 32.72 0.04
CA ALA B 216 9.68 31.47 0.11
C ALA B 216 8.23 31.72 0.55
N ASP B 217 7.27 31.08 -0.11
CA ASP B 217 5.87 31.26 0.26
C ASP B 217 5.56 30.43 1.48
N LEU B 218 6.29 29.33 1.63
CA LEU B 218 6.04 28.46 2.75
C LEU B 218 7.34 27.97 3.34
N VAL B 219 7.30 27.73 4.64
CA VAL B 219 8.44 27.28 5.40
C VAL B 219 8.00 26.04 6.13
N LEU B 220 8.73 24.95 5.91
CA LEU B 220 8.41 23.67 6.51
C LEU B 220 9.41 23.37 7.62
N LEU B 221 8.95 23.49 8.86
CA LEU B 221 9.80 23.23 10.01
C LEU B 221 9.76 21.74 10.31
N ASP B 222 10.89 21.07 10.09
CA ASP B 222 10.91 19.62 10.03
C ASP B 222 11.60 18.92 11.20
N ASN B 223 10.91 17.93 11.76
CA ASN B 223 11.43 17.14 12.87
C ASN B 223 11.83 18.03 14.05
N PHE B 224 10.95 18.98 14.38
CA PHE B 224 11.08 19.75 15.60
C PHE B 224 10.39 19.01 16.72
N ARG B 225 10.81 19.30 17.94
CA ARG B 225 10.04 18.95 19.11
C ARG B 225 9.01 20.08 19.24
N PRO B 226 7.78 19.73 19.65
CA PRO B 226 6.68 20.71 19.74
C PRO B 226 7.11 21.94 20.52
N GLU B 227 8.03 21.70 21.45
CA GLU B 227 8.55 22.68 22.38
C GLU B 227 9.36 23.80 21.69
N GLU B 228 10.10 23.43 20.64
CA GLU B 228 10.85 24.41 19.84
C GLU B 228 10.01 24.91 18.67
N LEU B 229 8.96 24.17 18.36
CA LEU B 229 8.15 24.44 17.17
C LEU B 229 7.48 25.81 17.22
N HIS B 230 6.64 26.02 18.23
CA HIS B 230 5.81 27.23 18.28
C HIS B 230 6.58 28.54 18.49
N PRO B 231 7.50 28.58 19.47
CA PRO B 231 8.35 29.77 19.58
C PRO B 231 9.02 30.12 18.25
N THR B 232 9.48 29.10 17.52
CA THR B 232 10.12 29.34 16.22
C THR B 232 9.08 29.88 15.22
N ALA B 233 7.94 29.21 15.14
CA ALA B 233 6.86 29.64 14.25
C ALA B 233 6.42 31.06 14.56
N ALA B 234 6.17 31.33 15.83
CA ALA B 234 5.84 32.68 16.30
C ALA B 234 6.90 33.68 15.86
N ALA B 235 8.16 33.31 16.05
CA ALA B 235 9.28 34.13 15.61
C ALA B 235 9.21 34.44 14.11
N LEU B 236 9.34 33.42 13.28
CA LEU B 236 9.29 33.58 11.83
C LEU B 236 8.07 34.38 11.36
N LYS B 237 6.89 34.00 11.85
CA LYS B 237 5.64 34.65 11.49
C LYS B 237 5.56 36.09 12.01
N ALA B 238 6.31 36.39 13.08
CA ALA B 238 6.36 37.77 13.56
C ALA B 238 7.15 38.63 12.58
N GLN B 239 8.23 38.06 12.04
CA GLN B 239 9.10 38.76 11.09
C GLN B 239 8.52 38.72 9.68
N PHE B 240 7.75 37.67 9.38
CA PHE B 240 7.11 37.53 8.08
C PHE B 240 5.70 37.03 8.30
N PRO B 241 4.73 37.95 8.39
CA PRO B 241 3.35 37.53 8.67
C PRO B 241 2.64 36.91 7.47
N THR B 242 3.22 36.99 6.28
CA THR B 242 2.55 36.47 5.09
C THR B 242 3.00 35.06 4.67
N VAL B 243 4.02 34.54 5.37
CA VAL B 243 4.62 33.26 4.99
C VAL B 243 3.95 32.09 5.71
N GLY B 244 3.55 31.07 4.95
CA GLY B 244 2.93 29.88 5.54
C GLY B 244 3.92 29.00 6.27
N VAL B 245 3.44 28.31 7.30
CA VAL B 245 4.28 27.47 8.16
C VAL B 245 3.71 26.06 8.18
N GLU B 246 4.52 25.07 7.79
CA GLU B 246 4.10 23.68 7.86
C GLU B 246 4.96 22.97 8.88
N ALA B 247 4.35 22.09 9.67
CA ALA B 247 5.10 21.22 10.57
C ALA B 247 4.92 19.78 10.11
N SER B 248 5.96 18.97 10.29
CA SER B 248 5.89 17.57 9.87
C SER B 248 6.97 16.73 10.53
N GLY B 249 6.83 15.41 10.41
CA GLY B 249 7.81 14.49 10.94
C GLY B 249 7.54 14.17 12.39
N GLY B 250 7.41 12.89 12.71
CA GLY B 250 7.14 12.47 14.06
C GLY B 250 5.67 12.53 14.41
N VAL B 251 4.90 13.26 13.61
CA VAL B 251 3.48 13.45 13.90
C VAL B 251 2.67 12.17 13.72
N THR B 252 1.98 11.78 14.79
CA THR B 252 1.08 10.62 14.74
C THR B 252 -0.31 11.04 15.23
N LEU B 253 -1.24 10.08 15.31
CA LEU B 253 -2.56 10.40 15.81
C LEU B 253 -2.51 10.79 17.28
N ASP B 254 -1.83 9.97 18.08
CA ASP B 254 -1.78 10.12 19.53
C ASP B 254 -1.15 11.44 19.98
N ASN B 255 -0.25 11.98 19.17
CA ASN B 255 0.52 13.15 19.57
C ASN B 255 0.21 14.40 18.77
N LEU B 256 -0.74 14.30 17.85
CA LEU B 256 -1.08 15.43 16.98
C LEU B 256 -1.44 16.77 17.69
N PRO B 257 -2.33 16.74 18.70
CA PRO B 257 -2.71 17.99 19.37
C PRO B 257 -1.57 18.93 19.79
N GLN B 258 -0.44 18.40 20.26
CA GLN B 258 0.68 19.28 20.66
C GLN B 258 1.35 20.01 19.49
N PHE B 259 1.07 19.56 18.26
CA PHE B 259 1.56 20.27 17.08
C PHE B 259 0.57 21.33 16.63
N CYS B 260 -0.68 21.20 17.07
CA CYS B 260 -1.71 22.20 16.80
C CYS B 260 -1.45 23.47 17.59
N GLY B 261 -1.30 24.59 16.88
CA GLY B 261 -1.00 25.86 17.50
C GLY B 261 -1.32 26.99 16.54
N PRO B 262 -1.29 28.25 17.04
CA PRO B 262 -1.71 29.43 16.28
C PRO B 262 -0.81 29.78 15.10
N HIS B 263 0.47 29.47 15.18
CA HIS B 263 1.38 29.86 14.10
C HIS B 263 1.76 28.69 13.22
N ILE B 264 0.92 27.66 13.24
CA ILE B 264 1.02 26.51 12.36
C ILE B 264 -0.18 26.46 11.41
N ASP B 265 0.09 26.49 10.10
CA ASP B 265 -0.97 26.47 9.11
C ASP B 265 -1.24 25.08 8.57
N VAL B 266 -0.19 24.27 8.49
CA VAL B 266 -0.28 22.95 7.91
C VAL B 266 0.47 21.96 8.77
N ILE B 267 -0.13 20.79 8.97
CA ILE B 267 0.53 19.70 9.66
C ILE B 267 0.44 18.45 8.81
N SER B 268 1.57 17.96 8.37
CA SER B 268 1.53 16.78 7.58
C SER B 268 1.98 15.57 8.34
N LEU B 269 1.39 14.44 8.00
CA LEU B 269 1.81 13.15 8.50
C LEU B 269 2.02 12.04 7.49
N GLY B 270 3.16 11.40 7.60
CA GLY B 270 3.54 10.26 6.79
C GLY B 270 2.62 9.11 7.01
N MET B 271 2.17 9.08 8.21
CA MET B 271 1.32 8.05 8.78
C MET B 271 0.01 7.86 8.02
N LEU B 272 -0.53 8.93 7.42
CA LEU B 272 -1.81 8.81 6.73
C LEU B 272 -1.77 7.80 5.57
N THR B 273 -0.58 7.56 5.04
CA THR B 273 -0.42 6.61 3.93
C THR B 273 0.53 5.43 4.21
N GLN B 274 1.46 5.62 5.15
CA GLN B 274 2.45 4.59 5.46
C GLN B 274 2.06 3.65 6.60
N ALA B 275 1.14 4.09 7.44
CA ALA B 275 0.71 3.26 8.57
C ALA B 275 -0.80 3.16 8.65
N ALA B 276 -1.47 3.36 7.52
CA ALA B 276 -2.93 3.30 7.47
C ALA B 276 -3.44 1.91 7.14
N PRO B 277 -4.00 1.22 8.14
CA PRO B 277 -4.46 -0.15 7.88
C PRO B 277 -5.71 -0.13 7.01
N ALA B 278 -5.79 -1.05 6.05
CA ALA B 278 -6.94 -1.12 5.15
C ALA B 278 -8.19 -1.57 5.87
N LEU B 279 -9.35 -1.16 5.37
CA LEU B 279 -10.63 -1.64 5.90
C LEU B 279 -10.99 -3.01 5.36
N ASP B 280 -11.66 -3.81 6.18
CA ASP B 280 -12.12 -5.13 5.78
C ASP B 280 -13.48 -5.00 5.10
N PHE B 281 -13.52 -5.34 3.81
CA PHE B 281 -14.76 -5.38 3.05
C PHE B 281 -14.87 -6.79 2.54
N SER B 282 -16.08 -7.24 2.22
CA SER B 282 -16.28 -8.53 1.59
C SER B 282 -17.33 -8.32 0.54
N LEU B 283 -17.43 -9.25 -0.40
CA LEU B 283 -18.44 -9.15 -1.44
C LEU B 283 -19.11 -10.51 -1.48
N LYS B 284 -20.43 -10.56 -1.25
CA LYS B 284 -21.11 -11.84 -1.14
C LYS B 284 -22.28 -11.98 -2.11
N LEU B 285 -22.23 -13.01 -2.96
CA LEU B 285 -23.37 -13.36 -3.83
C LEU B 285 -24.62 -13.64 -3.00
N PHE B 286 -25.80 -13.40 -3.57
CA PHE B 286 -27.05 -13.66 -2.87
C PHE B 286 -28.22 -13.87 -3.82
N ALA B 287 -29.29 -14.46 -3.29
CA ALA B 287 -30.54 -14.74 -4.02
C ALA B 287 -30.31 -15.62 -5.26
N GLU B 288 -29.52 -16.67 -5.06
CA GLU B 288 -28.91 -17.51 -6.10
C GLU B 288 -29.19 -17.08 -7.53
#